data_7YNN
#
_entry.id   7YNN
#
loop_
_entity.id
_entity.type
_entity.pdbx_description
1 polymer Alpha-synuclein
2 non-polymer 2-[4-(dimethylamino)phenyl]-3,6-dimethyl-1,3-benzothiazol-3-ium
#
_entity_poly.entity_id   1
_entity_poly.type   'polypeptide(L)'
_entity_poly.pdbx_seq_one_letter_code
;MDVFMKGLSKAKEGVVAAAEKTKQGVAEAAGKTKEGVLYVGSKTKEGVVHGVATVAEKTKEQVTNVGGAVVTGVTAVAQK
TVEGAGSIAAATGFVKKDQLGKNEEGAPQEGILEDMPVDPDNEAYEMPSEEGYQDYEPEA
;
_entity_poly.pdbx_strand_id   A,B,C,D,G,H,I,J
#
loop_
_chem_comp.id
_chem_comp.type
_chem_comp.name
_chem_comp.formula
TFX non-polymer 2-[4-(dimethylamino)phenyl]-3,6-dimethyl-1,3-benzothiazol-3-ium 'C17 H19 N2 S 1'
#
# COMPACT_ATOMS: atom_id res chain seq x y z
N VAL A 37 -26.82 -34.80 -2.14
CA VAL A 37 -25.78 -35.79 -1.88
C VAL A 37 -24.60 -35.56 -2.81
N LEU A 38 -24.71 -34.56 -3.68
CA LEU A 38 -23.64 -34.24 -4.63
C LEU A 38 -23.43 -32.73 -4.70
N TYR A 39 -23.26 -32.11 -3.54
CA TYR A 39 -22.89 -30.70 -3.49
C TYR A 39 -21.55 -30.50 -4.20
N VAL A 40 -21.50 -29.56 -5.13
CA VAL A 40 -20.28 -29.26 -5.88
C VAL A 40 -20.10 -27.75 -5.89
N GLY A 41 -19.31 -27.23 -4.95
CA GLY A 41 -18.95 -25.83 -4.95
C GLY A 41 -17.74 -25.59 -5.83
N SER A 42 -17.72 -24.43 -6.49
CA SER A 42 -16.63 -24.12 -7.41
C SER A 42 -16.51 -22.61 -7.54
N LYS A 43 -15.41 -22.06 -7.02
CA LYS A 43 -15.11 -20.63 -7.14
C LYS A 43 -16.20 -19.77 -6.53
N THR A 44 -16.76 -20.22 -5.41
CA THR A 44 -17.80 -19.47 -4.73
C THR A 44 -17.19 -18.59 -3.66
N LYS A 45 -17.91 -17.52 -3.30
CA LYS A 45 -17.42 -16.55 -2.35
C LYS A 45 -18.52 -16.26 -1.34
N GLU A 46 -18.15 -16.24 -0.06
CA GLU A 46 -19.10 -15.98 1.02
C GLU A 46 -18.38 -15.16 2.09
N GLY A 47 -18.82 -13.92 2.28
CA GLY A 47 -18.16 -13.05 3.21
C GLY A 47 -16.77 -12.69 2.73
N VAL A 48 -16.67 -11.96 1.62
CA VAL A 48 -15.40 -11.66 0.97
C VAL A 48 -15.34 -10.18 0.68
N VAL A 49 -14.18 -9.57 0.94
CA VAL A 49 -13.92 -8.17 0.61
C VAL A 49 -12.61 -8.12 -0.14
N HIS A 50 -12.62 -7.50 -1.32
CA HIS A 50 -11.36 -7.34 -2.03
C HIS A 50 -11.39 -6.10 -2.90
N GLY A 51 -10.20 -5.56 -3.17
CA GLY A 51 -10.05 -4.35 -3.96
C GLY A 51 -10.55 -3.10 -3.27
N VAL A 52 -9.88 -2.70 -2.20
CA VAL A 52 -10.32 -1.57 -1.39
C VAL A 52 -9.15 -0.60 -1.23
N ALA A 53 -9.35 0.65 -1.62
CA ALA A 53 -8.35 1.69 -1.47
C ALA A 53 -8.93 2.82 -0.64
N THR A 54 -8.21 3.24 0.39
CA THR A 54 -8.71 4.23 1.33
C THR A 54 -7.60 5.21 1.66
N VAL A 55 -7.92 6.50 1.62
CA VAL A 55 -7.05 7.55 2.09
C VAL A 55 -7.82 8.37 3.11
N ALA A 56 -7.19 8.69 4.23
CA ALA A 56 -7.84 9.45 5.30
C ALA A 56 -6.85 10.47 5.83
N GLU A 57 -7.12 11.74 5.61
CA GLU A 57 -6.27 12.83 6.07
C GLU A 57 -7.05 13.67 7.07
N LYS A 58 -6.68 13.59 8.33
CA LYS A 58 -7.37 14.33 9.38
C LYS A 58 -6.36 15.13 10.19
N THR A 59 -6.79 16.27 10.70
CA THR A 59 -5.93 17.06 11.56
C THR A 59 -6.09 16.69 13.03
N LYS A 60 -7.31 16.40 13.46
CA LYS A 60 -7.53 16.03 14.84
C LYS A 60 -8.69 15.05 14.91
N GLU A 61 -8.41 13.86 15.43
CA GLU A 61 -9.44 12.86 15.68
C GLU A 61 -9.44 12.54 17.15
N GLN A 62 -10.56 12.76 17.81
CA GLN A 62 -10.66 12.61 19.25
C GLN A 62 -11.87 11.76 19.59
N VAL A 63 -11.72 10.89 20.58
CA VAL A 63 -12.80 10.10 21.13
C VAL A 63 -12.76 10.24 22.64
N THR A 64 -13.88 10.63 23.23
CA THR A 64 -14.00 10.78 24.68
C THR A 64 -15.18 9.93 25.13
N ASN A 65 -14.91 8.93 25.95
CA ASN A 65 -15.92 7.97 26.39
C ASN A 65 -15.96 7.96 27.91
N VAL A 66 -17.16 8.04 28.47
CA VAL A 66 -17.37 7.97 29.91
C VAL A 66 -18.43 6.91 30.15
N GLY A 67 -18.00 5.68 30.42
CA GLY A 67 -18.93 4.63 30.79
C GLY A 67 -19.80 4.09 29.69
N GLY A 68 -19.44 4.32 28.43
CA GLY A 68 -20.22 3.81 27.32
C GLY A 68 -19.46 2.87 26.44
N ALA A 69 -19.76 2.87 25.14
CA ALA A 69 -19.06 2.05 24.17
C ALA A 69 -18.93 2.81 22.87
N VAL A 70 -17.71 2.88 22.33
CA VAL A 70 -17.45 3.58 21.08
C VAL A 70 -16.67 2.66 20.15
N VAL A 71 -17.16 2.49 18.93
CA VAL A 71 -16.45 1.80 17.88
C VAL A 71 -16.22 2.79 16.74
N THR A 72 -15.02 2.82 16.20
CA THR A 72 -14.67 3.81 15.18
C THR A 72 -13.68 3.22 14.19
N GLY A 73 -13.92 3.45 12.91
CA GLY A 73 -12.95 3.11 11.88
C GLY A 73 -12.77 1.63 11.60
N VAL A 74 -13.79 0.99 11.08
CA VAL A 74 -13.73 -0.43 10.71
C VAL A 74 -13.74 -0.50 9.19
N THR A 75 -12.69 -1.04 8.61
CA THR A 75 -12.52 -1.05 7.16
C THR A 75 -12.05 -2.42 6.70
N ALA A 76 -12.65 -2.90 5.62
CA ALA A 76 -12.22 -4.13 4.93
C ALA A 76 -12.24 -5.33 5.87
N VAL A 77 -13.43 -5.65 6.35
CA VAL A 77 -13.65 -6.72 7.30
C VAL A 77 -14.63 -7.72 6.70
N ALA A 78 -14.32 -9.01 6.84
CA ALA A 78 -15.16 -10.05 6.30
C ALA A 78 -15.20 -11.23 7.25
N GLN A 79 -16.35 -11.85 7.41
CA GLN A 79 -16.43 -13.08 8.20
C GLN A 79 -17.60 -13.93 7.75
N LYS A 80 -17.54 -15.20 8.11
CA LYS A 80 -18.63 -16.13 7.89
C LYS A 80 -18.86 -16.93 9.16
N THR A 81 -20.08 -16.93 9.63
CA THR A 81 -20.47 -17.67 10.83
C THR A 81 -21.48 -18.73 10.47
N VAL A 82 -21.30 -19.92 11.02
CA VAL A 82 -22.26 -21.01 10.89
C VAL A 82 -22.76 -21.34 12.29
N GLU A 83 -24.08 -21.29 12.47
CA GLU A 83 -24.74 -21.62 13.73
C GLU A 83 -24.25 -20.74 14.87
N GLY A 84 -24.43 -19.44 14.70
CA GLY A 84 -24.08 -18.49 15.74
C GLY A 84 -24.38 -17.10 15.24
N ALA A 85 -24.32 -16.15 16.16
CA ALA A 85 -24.55 -14.76 15.82
C ALA A 85 -23.27 -14.13 15.28
N GLY A 86 -23.38 -13.42 14.17
CA GLY A 86 -22.23 -12.75 13.59
C GLY A 86 -22.34 -11.25 13.62
N SER A 87 -21.51 -10.60 14.44
CA SER A 87 -21.52 -9.16 14.58
C SER A 87 -20.16 -8.62 14.13
N ILE A 88 -20.16 -7.47 13.45
CA ILE A 88 -18.93 -6.87 12.96
C ILE A 88 -18.52 -5.66 13.80
N ALA A 89 -19.34 -4.61 13.79
CA ALA A 89 -19.01 -3.38 14.53
C ALA A 89 -20.18 -3.04 15.42
N ALA A 90 -20.22 -3.65 16.60
CA ALA A 90 -21.34 -3.52 17.52
C ALA A 90 -20.87 -2.86 18.81
N ALA A 91 -21.61 -1.86 19.27
CA ALA A 91 -21.33 -1.18 20.53
C ALA A 91 -22.59 -1.25 21.38
N THR A 92 -22.45 -1.76 22.60
CA THR A 92 -23.54 -1.83 23.55
C THR A 92 -23.19 -0.96 24.75
N GLY A 93 -24.12 -0.09 25.14
CA GLY A 93 -23.88 0.86 26.20
C GLY A 93 -23.50 0.23 27.52
N PHE A 94 -24.36 -0.64 28.04
CA PHE A 94 -24.03 -1.54 29.13
C PHE A 94 -25.20 -2.48 29.33
N VAL A 95 -24.95 -3.54 30.08
CA VAL A 95 -25.95 -4.56 30.38
C VAL A 95 -26.04 -4.64 31.89
N LYS A 96 -27.01 -3.93 32.49
CA LYS A 96 -27.19 -3.91 33.93
C LYS A 96 -28.39 -4.77 34.28
N LYS A 97 -28.14 -6.07 34.44
CA LYS A 97 -29.19 -7.00 34.84
C LYS A 97 -29.34 -7.05 36.34
N VAL B 37 22.89 36.87 -0.97
CA VAL B 37 24.11 36.65 -0.20
C VAL B 37 23.77 36.02 1.14
N LEU B 38 22.49 35.78 1.39
CA LEU B 38 22.04 35.17 2.64
C LEU B 38 20.98 34.11 2.36
N TYR B 39 21.27 33.20 1.43
CA TYR B 39 20.40 32.06 1.22
C TYR B 39 20.29 31.23 2.49
N VAL B 40 19.06 30.94 2.91
CA VAL B 40 18.79 30.18 4.12
C VAL B 40 17.75 29.12 3.76
N GLY B 41 18.21 27.91 3.43
CA GLY B 41 17.31 26.80 3.22
C GLY B 41 17.01 26.10 4.53
N SER B 42 15.78 25.61 4.66
CA SER B 42 15.36 24.97 5.91
C SER B 42 14.23 24.01 5.62
N LYS B 43 14.50 22.71 5.77
CA LYS B 43 13.50 21.66 5.61
C LYS B 43 12.88 21.67 4.22
N THR B 44 13.69 21.96 3.21
CA THR B 44 13.21 21.99 1.84
C THR B 44 13.43 20.64 1.18
N LYS B 45 12.63 20.36 0.16
CA LYS B 45 12.66 19.08 -0.53
C LYS B 45 12.69 19.31 -2.02
N GLU B 46 13.57 18.60 -2.71
CA GLU B 46 13.72 18.72 -4.16
C GLU B 46 14.01 17.34 -4.73
N GLY B 47 13.08 16.82 -5.53
CA GLY B 47 13.22 15.47 -6.04
C GLY B 47 13.14 14.44 -4.93
N VAL B 48 11.97 14.34 -4.31
CA VAL B 48 11.78 13.48 -3.14
C VAL B 48 10.56 12.61 -3.34
N VAL B 49 10.66 11.34 -2.99
CA VAL B 49 9.55 10.41 -3.03
C VAL B 49 9.47 9.72 -1.67
N HIS B 50 8.31 9.76 -1.03
CA HIS B 50 8.19 9.02 0.22
C HIS B 50 6.76 8.57 0.44
N GLY B 51 6.60 7.50 1.22
CA GLY B 51 5.29 6.94 1.50
C GLY B 51 4.64 6.28 0.31
N VAL B 52 5.21 5.18 -0.16
CA VAL B 52 4.75 4.50 -1.37
C VAL B 52 4.53 3.03 -1.04
N ALA B 53 3.32 2.54 -1.27
CA ALA B 53 2.99 1.14 -1.06
C ALA B 53 2.47 0.56 -2.37
N THR B 54 3.03 -0.57 -2.78
CA THR B 54 2.71 -1.16 -4.07
C THR B 54 2.58 -2.66 -3.92
N VAL B 55 1.50 -3.21 -4.48
CA VAL B 55 1.31 -4.65 -4.60
C VAL B 55 1.07 -4.97 -6.06
N ALA B 56 1.72 -6.01 -6.57
CA ALA B 56 1.60 -6.38 -7.97
C ALA B 56 1.52 -7.90 -8.04
N GLU B 57 0.37 -8.42 -8.45
CA GLU B 57 0.15 -9.85 -8.58
C GLU B 57 -0.12 -10.18 -10.04
N LYS B 58 0.82 -10.83 -10.69
CA LYS B 58 0.69 -11.18 -12.09
C LYS B 58 0.93 -12.67 -12.29
N THR B 59 0.27 -13.24 -13.28
CA THR B 59 0.50 -14.64 -13.59
C THR B 59 1.60 -14.81 -14.63
N LYS B 60 1.67 -13.92 -15.61
CA LYS B 60 2.70 -14.03 -16.63
C LYS B 60 3.06 -12.64 -17.09
N GLU B 61 4.33 -12.28 -16.94
CA GLU B 61 4.86 -11.02 -17.44
C GLU B 61 5.99 -11.35 -18.41
N GLN B 62 5.85 -10.93 -19.65
CA GLN B 62 6.80 -11.27 -20.70
C GLN B 62 7.21 -10.01 -21.44
N VAL B 63 8.49 -9.94 -21.79
CA VAL B 63 9.04 -8.88 -22.62
C VAL B 63 9.85 -9.54 -23.72
N THR B 64 9.56 -9.19 -24.96
CA THR B 64 10.29 -9.71 -26.11
C THR B 64 10.78 -8.52 -26.91
N ASN B 65 12.10 -8.38 -27.03
CA ASN B 65 12.71 -7.23 -27.68
C ASN B 65 13.62 -7.73 -28.78
N VAL B 66 13.50 -7.12 -29.96
CA VAL B 66 14.35 -7.45 -31.11
C VAL B 66 14.91 -6.13 -31.63
N GLY B 67 16.11 -5.78 -31.17
CA GLY B 67 16.78 -4.61 -31.69
C GLY B 67 16.22 -3.27 -31.28
N GLY B 68 15.41 -3.22 -30.23
CA GLY B 68 14.85 -1.97 -29.77
C GLY B 68 15.26 -1.61 -28.36
N ALA B 69 14.38 -0.95 -27.63
CA ALA B 69 14.63 -0.59 -26.24
C ALA B 69 13.33 -0.69 -25.47
N VAL B 70 13.35 -1.39 -24.34
CA VAL B 70 12.18 -1.57 -23.50
C VAL B 70 12.55 -1.23 -22.06
N VAL B 71 11.78 -0.35 -21.44
CA VAL B 71 11.87 -0.05 -20.02
C VAL B 71 10.55 -0.41 -19.37
N THR B 72 10.61 -1.10 -18.24
CA THR B 72 9.40 -1.60 -17.60
C THR B 72 9.55 -1.58 -16.08
N GLY B 73 8.53 -1.09 -15.39
CA GLY B 73 8.48 -1.20 -13.95
C GLY B 73 9.43 -0.33 -13.18
N VAL B 74 9.25 0.98 -13.24
CA VAL B 74 10.07 1.93 -12.51
C VAL B 74 9.21 2.53 -11.41
N THR B 75 9.60 2.32 -10.15
CA THR B 75 8.79 2.72 -9.02
C THR B 75 9.66 3.39 -7.97
N ALA B 76 9.15 4.50 -7.42
CA ALA B 76 9.76 5.19 -6.29
C ALA B 76 11.20 5.62 -6.60
N VAL B 77 11.33 6.48 -7.60
CA VAL B 77 12.61 6.95 -8.08
C VAL B 77 12.65 8.47 -7.96
N ALA B 78 13.76 9.01 -7.47
CA ALA B 78 13.92 10.44 -7.28
C ALA B 78 15.33 10.84 -7.63
N GLN B 79 15.49 11.99 -8.29
CA GLN B 79 16.83 12.52 -8.52
C GLN B 79 16.78 14.03 -8.66
N LYS B 80 17.94 14.64 -8.50
CA LYS B 80 18.13 16.06 -8.73
C LYS B 80 19.39 16.26 -9.54
N THR B 81 19.28 16.96 -10.66
CA THR B 81 20.40 17.26 -11.53
C THR B 81 20.63 18.76 -11.57
N VAL B 82 21.89 19.17 -11.49
CA VAL B 82 22.27 20.56 -11.67
C VAL B 82 23.18 20.63 -12.88
N GLU B 83 22.81 21.46 -13.85
CA GLU B 83 23.60 21.69 -15.06
C GLU B 83 23.81 20.39 -15.85
N GLY B 84 22.70 19.78 -16.24
CA GLY B 84 22.75 18.59 -17.04
C GLY B 84 21.34 18.11 -17.31
N ALA B 85 21.23 17.16 -18.23
CA ALA B 85 19.95 16.58 -18.55
C ALA B 85 19.59 15.49 -17.55
N GLY B 86 18.36 15.51 -17.05
CA GLY B 86 17.92 14.50 -16.11
C GLY B 86 16.81 13.64 -16.66
N SER B 87 17.11 12.37 -16.94
CA SER B 87 16.14 11.43 -17.48
C SER B 87 15.93 10.31 -16.48
N ILE B 88 14.69 9.83 -16.35
CA ILE B 88 14.37 8.77 -15.40
C ILE B 88 14.13 7.45 -16.12
N ALA B 89 13.09 7.37 -16.95
CA ALA B 89 12.76 6.13 -17.64
C ALA B 89 12.67 6.43 -19.13
N ALA B 90 13.80 6.41 -19.80
CA ALA B 90 13.89 6.79 -21.20
C ALA B 90 14.35 5.61 -22.03
N ALA B 91 13.66 5.36 -23.13
CA ALA B 91 14.01 4.29 -24.07
C ALA B 91 14.15 4.91 -25.44
N THR B 92 15.30 4.70 -26.07
CA THR B 92 15.57 5.18 -27.42
C THR B 92 15.78 3.98 -28.33
N GLY B 93 15.07 3.95 -29.45
CA GLY B 93 15.10 2.82 -30.35
C GLY B 93 16.48 2.49 -30.86
N PHE B 94 17.14 3.45 -31.51
CA PHE B 94 18.56 3.37 -31.81
C PHE B 94 18.97 4.71 -32.40
N VAL B 95 20.28 4.93 -32.46
CA VAL B 95 20.86 6.15 -32.99
C VAL B 95 21.81 5.73 -34.10
N LYS B 96 21.32 5.77 -35.34
CA LYS B 96 22.12 5.37 -36.50
C LYS B 96 22.57 6.62 -37.23
N LYS B 97 23.69 7.18 -36.80
CA LYS B 97 24.25 8.37 -37.44
C LYS B 97 25.14 7.96 -38.61
N VAL C 37 -23.05 -36.72 0.20
CA VAL C 37 -22.01 -37.70 0.47
C VAL C 37 -20.83 -37.50 -0.47
N LEU C 38 -20.94 -36.51 -1.35
CA LEU C 38 -19.89 -36.21 -2.32
C LEU C 38 -19.65 -34.70 -2.40
N TYR C 39 -19.49 -34.06 -1.25
CA TYR C 39 -19.10 -32.66 -1.23
C TYR C 39 -17.76 -32.47 -1.93
N VAL C 40 -17.71 -31.54 -2.88
CA VAL C 40 -16.49 -31.26 -3.65
C VAL C 40 -16.31 -29.74 -3.67
N GLY C 41 -15.51 -29.23 -2.74
CA GLY C 41 -15.15 -27.82 -2.76
C GLY C 41 -13.94 -27.59 -3.65
N SER C 42 -13.92 -26.45 -4.33
CA SER C 42 -12.84 -26.15 -5.25
C SER C 42 -12.70 -24.64 -5.41
N LYS C 43 -11.60 -24.09 -4.90
CA LYS C 43 -11.28 -22.67 -5.03
C LYS C 43 -12.37 -21.78 -4.42
N THR C 44 -12.93 -22.23 -3.30
CA THR C 44 -13.96 -21.47 -2.62
C THR C 44 -13.34 -20.58 -1.55
N LYS C 45 -14.04 -19.51 -1.22
CA LYS C 45 -13.54 -18.51 -0.27
C LYS C 45 -14.63 -18.21 0.74
N GLU C 46 -14.26 -18.18 2.01
CA GLU C 46 -15.20 -17.90 3.09
C GLU C 46 -14.47 -17.08 4.15
N GLY C 47 -14.91 -15.83 4.33
CA GLY C 47 -14.22 -14.95 5.25
C GLY C 47 -12.84 -14.61 4.75
N VAL C 48 -12.75 -13.89 3.63
CA VAL C 48 -11.48 -13.61 2.98
C VAL C 48 -11.41 -12.12 2.67
N VAL C 49 -10.25 -11.52 2.92
CA VAL C 49 -9.99 -10.14 2.57
C VAL C 49 -8.68 -10.10 1.80
N HIS C 50 -8.69 -9.49 0.62
CA HIS C 50 -7.44 -9.35 -0.10
C HIS C 50 -7.45 -8.10 -0.98
N GLY C 51 -6.27 -7.58 -1.27
CA GLY C 51 -6.13 -6.38 -2.07
C GLY C 51 -6.61 -5.13 -1.40
N VAL C 52 -5.93 -4.70 -0.33
CA VAL C 52 -6.35 -3.57 0.47
C VAL C 52 -5.18 -2.61 0.61
N ALA C 53 -5.39 -1.36 0.21
CA ALA C 53 -4.37 -0.32 0.34
C ALA C 53 -4.94 0.83 1.15
N THR C 54 -4.21 1.24 2.18
CA THR C 54 -4.69 2.24 3.11
C THR C 54 -3.58 3.23 3.43
N VAL C 55 -3.89 4.51 3.37
CA VAL C 55 -3.01 5.56 3.83
C VAL C 55 -3.77 6.41 4.84
N ALA C 56 -3.13 6.74 5.96
CA ALA C 56 -3.77 7.51 7.02
C ALA C 56 -2.78 8.52 7.53
N GLU C 57 -3.04 9.80 7.30
CA GLU C 57 -2.17 10.89 7.74
C GLU C 57 -2.95 11.75 8.73
N LYS C 58 -2.57 11.68 10.00
CA LYS C 58 -3.23 12.43 11.05
C LYS C 58 -2.22 13.24 11.83
N THR C 59 -2.65 14.39 12.34
CA THR C 59 -1.77 15.18 13.18
C THR C 59 -1.93 14.83 14.65
N LYS C 60 -3.15 14.55 15.09
CA LYS C 60 -3.36 14.19 16.49
C LYS C 60 -4.51 13.22 16.57
N GLU C 61 -4.26 12.04 17.10
CA GLU C 61 -5.28 11.04 17.36
C GLU C 61 -5.27 10.74 18.85
N GLN C 62 -6.40 10.97 19.51
CA GLN C 62 -6.49 10.84 20.95
C GLN C 62 -7.70 10.00 21.31
N VAL C 63 -7.54 9.14 22.31
CA VAL C 63 -8.63 8.37 22.88
C VAL C 63 -8.57 8.52 24.39
N THR C 64 -9.68 8.92 24.98
CA THR C 64 -9.80 9.09 26.43
C THR C 64 -10.97 8.25 26.89
N ASN C 65 -10.71 7.26 27.73
CA ASN C 65 -11.71 6.32 28.18
C ASN C 65 -11.75 6.32 29.69
N VAL C 66 -12.95 6.40 30.26
CA VAL C 66 -13.15 6.36 31.71
C VAL C 66 -14.21 5.31 31.97
N GLY C 67 -13.79 4.08 32.25
CA GLY C 67 -14.72 3.04 32.64
C GLY C 67 -15.60 2.49 31.54
N GLY C 68 -15.25 2.72 30.28
CA GLY C 68 -16.04 2.19 29.19
C GLY C 68 -15.28 1.23 28.31
N ALA C 69 -15.60 1.22 27.01
CA ALA C 69 -14.90 0.38 26.05
C ALA C 69 -14.79 1.14 24.74
N VAL C 70 -13.57 1.19 24.18
CA VAL C 70 -13.31 1.88 22.93
C VAL C 70 -12.54 0.94 22.01
N VAL C 71 -13.05 0.76 20.79
CA VAL C 71 -12.34 0.05 19.74
C VAL C 71 -12.12 1.02 18.58
N THR C 72 -10.91 1.05 18.03
CA THR C 72 -10.56 2.01 17.01
C THR C 72 -9.58 1.40 16.02
N GLY C 73 -9.84 1.63 14.74
CA GLY C 73 -8.88 1.27 13.71
C GLY C 73 -8.70 -0.20 13.44
N VAL C 74 -9.73 -0.85 12.94
CA VAL C 74 -9.68 -2.27 12.58
C VAL C 74 -9.70 -2.37 11.07
N THR C 75 -8.65 -2.91 10.48
CA THR C 75 -8.49 -2.95 9.03
C THR C 75 -8.04 -4.32 8.58
N ALA C 76 -8.65 -4.81 7.50
CA ALA C 76 -8.23 -6.04 6.82
C ALA C 76 -8.25 -7.24 7.78
N VAL C 77 -9.44 -7.54 8.28
CA VAL C 77 -9.65 -8.61 9.24
C VAL C 77 -10.64 -9.61 8.66
N ALA C 78 -10.34 -10.89 8.81
CA ALA C 78 -11.19 -11.94 8.28
C ALA C 78 -11.22 -13.11 9.25
N GLN C 79 -12.39 -13.72 9.43
CA GLN C 79 -12.46 -14.93 10.22
C GLN C 79 -13.64 -15.78 9.79
N LYS C 80 -13.60 -17.05 10.17
CA LYS C 80 -14.69 -17.98 9.97
C LYS C 80 -14.91 -18.76 11.24
N THR C 81 -16.14 -18.75 11.74
CA THR C 81 -16.51 -19.47 12.94
C THR C 81 -17.53 -20.54 12.59
N VAL C 82 -17.36 -21.72 13.16
CA VAL C 82 -18.32 -22.80 13.05
C VAL C 82 -18.82 -23.11 14.45
N GLU C 83 -20.13 -23.05 14.64
CA GLU C 83 -20.78 -23.37 15.91
C GLU C 83 -20.28 -22.48 17.04
N GLY C 84 -20.46 -21.18 16.85
CA GLY C 84 -20.10 -20.22 17.87
C GLY C 84 -20.39 -18.83 17.36
N ALA C 85 -20.32 -17.87 18.27
CA ALA C 85 -20.54 -16.48 17.92
C ALA C 85 -19.26 -15.88 17.36
N GLY C 86 -19.38 -15.16 16.25
CA GLY C 86 -18.23 -14.52 15.65
C GLY C 86 -18.33 -13.01 15.67
N SER C 87 -17.51 -12.36 16.47
CA SER C 87 -17.48 -10.91 16.59
C SER C 87 -16.13 -10.38 16.13
N ILE C 88 -16.14 -9.25 15.44
CA ILE C 88 -14.90 -8.66 14.94
C ILE C 88 -14.49 -7.44 15.75
N ALA C 89 -15.29 -6.38 15.75
CA ALA C 89 -14.95 -5.15 16.46
C ALA C 89 -16.12 -4.80 17.36
N ALA C 90 -16.15 -5.39 18.55
CA ALA C 90 -17.26 -5.25 19.47
C ALA C 90 -16.78 -4.58 20.74
N ALA C 91 -17.52 -3.57 21.20
CA ALA C 91 -17.23 -2.88 22.45
C ALA C 91 -18.47 -2.92 23.31
N THR C 92 -18.32 -3.42 24.54
CA THR C 92 -19.41 -3.47 25.50
C THR C 92 -19.06 -2.60 26.69
N GLY C 93 -19.97 -1.71 27.06
CA GLY C 93 -19.72 -0.75 28.12
C GLY C 93 -19.33 -1.38 29.44
N PHE C 94 -20.19 -2.23 29.97
CA PHE C 94 -19.87 -3.11 31.08
C PHE C 94 -21.05 -4.05 31.30
N VAL C 95 -20.79 -5.11 32.05
CA VAL C 95 -21.80 -6.11 32.37
C VAL C 95 -21.88 -6.17 33.90
N LYS C 96 -22.84 -5.45 34.47
CA LYS C 96 -23.00 -5.41 35.92
C LYS C 96 -24.20 -6.28 36.29
N LYS C 97 -23.96 -7.57 36.46
CA LYS C 97 -25.01 -8.50 36.87
C LYS C 97 -25.16 -8.52 38.39
N VAL D 37 26.95 34.57 0.31
CA VAL D 37 28.16 34.35 1.08
C VAL D 37 27.84 33.73 2.42
N LEU D 38 26.55 33.50 2.69
CA LEU D 38 26.11 32.92 3.95
C LEU D 38 25.03 31.86 3.69
N TYR D 39 25.33 30.94 2.77
CA TYR D 39 24.46 29.79 2.57
C TYR D 39 24.34 28.99 3.86
N VAL D 40 23.11 28.71 4.28
CA VAL D 40 22.85 27.95 5.51
C VAL D 40 21.80 26.90 5.17
N GLY D 41 22.25 25.69 4.84
CA GLY D 41 21.33 24.57 4.66
C GLY D 41 21.03 23.90 5.98
N SER D 42 19.80 23.41 6.12
CA SER D 42 19.39 22.79 7.38
C SER D 42 18.25 21.82 7.10
N LYS D 43 18.52 20.53 7.27
CA LYS D 43 17.52 19.48 7.13
C LYS D 43 16.88 19.48 5.74
N THR D 44 17.69 19.76 4.72
CA THR D 44 17.22 19.77 3.35
C THR D 44 17.42 18.41 2.71
N LYS D 45 16.61 18.12 1.70
CA LYS D 45 16.63 16.82 1.02
C LYS D 45 16.65 17.04 -0.47
N GLU D 46 17.52 16.31 -1.16
CA GLU D 46 17.66 16.42 -2.61
C GLU D 46 17.95 15.04 -3.16
N GLY D 47 17.01 14.51 -3.95
CA GLY D 47 17.14 13.16 -4.46
C GLY D 47 17.06 12.15 -3.32
N VAL D 48 15.90 12.04 -2.69
CA VAL D 48 15.71 11.21 -1.51
C VAL D 48 14.48 10.35 -1.70
N VAL D 49 14.57 9.08 -1.33
CA VAL D 49 13.46 8.15 -1.35
C VAL D 49 13.39 7.48 0.01
N HIS D 50 12.23 7.53 0.66
CA HIS D 50 12.11 6.81 1.92
C HIS D 50 10.68 6.38 2.16
N GLY D 51 10.52 5.31 2.94
CA GLY D 51 9.21 4.76 3.24
C GLY D 51 8.55 4.08 2.07
N VAL D 52 9.11 2.97 1.60
CA VAL D 52 8.63 2.29 0.41
C VAL D 52 8.41 0.82 0.75
N ALA D 53 7.20 0.33 0.53
CA ALA D 53 6.86 -1.06 0.75
C ALA D 53 6.33 -1.66 -0.54
N THR D 54 6.89 -2.79 -0.94
CA THR D 54 6.56 -3.39 -2.22
C THR D 54 6.41 -4.90 -2.05
N VAL D 55 5.34 -5.45 -2.60
CA VAL D 55 5.14 -6.88 -2.70
C VAL D 55 4.89 -7.21 -4.16
N ALA D 56 5.54 -8.26 -4.66
CA ALA D 56 5.41 -8.66 -6.06
C ALA D 56 5.32 -10.17 -6.11
N GLU D 57 4.16 -10.69 -6.50
CA GLU D 57 3.93 -12.13 -6.61
C GLU D 57 3.64 -12.47 -8.07
N LYS D 58 4.58 -13.14 -8.72
CA LYS D 58 4.44 -13.50 -10.11
C LYS D 58 4.68 -14.99 -10.28
N THR D 59 4.00 -15.56 -11.27
CA THR D 59 4.23 -16.97 -11.57
C THR D 59 5.32 -17.17 -12.61
N LYS D 60 5.39 -16.29 -13.61
CA LYS D 60 6.41 -16.42 -14.62
C LYS D 60 6.78 -15.03 -15.12
N GLU D 61 8.05 -14.67 -14.96
CA GLU D 61 8.58 -13.42 -15.49
C GLU D 61 9.69 -13.78 -16.46
N GLN D 62 9.55 -13.36 -17.71
CA GLN D 62 10.49 -13.72 -18.75
C GLN D 62 10.91 -12.47 -19.51
N VAL D 63 12.19 -12.42 -19.86
CA VAL D 63 12.73 -11.37 -20.72
C VAL D 63 13.55 -12.04 -21.81
N THR D 64 13.24 -11.71 -23.06
CA THR D 64 13.96 -12.24 -24.21
C THR D 64 14.46 -11.06 -25.02
N ASN D 65 15.77 -10.93 -25.15
CA ASN D 65 16.39 -9.80 -25.81
C ASN D 65 17.29 -10.31 -26.92
N VAL D 66 17.17 -9.72 -28.10
CA VAL D 66 18.01 -10.06 -29.25
C VAL D 66 18.57 -8.76 -29.78
N GLY D 67 19.77 -8.39 -29.34
CA GLY D 67 20.45 -7.25 -29.88
C GLY D 67 19.90 -5.90 -29.48
N GLY D 68 19.10 -5.83 -28.43
CA GLY D 68 18.55 -4.57 -27.99
C GLY D 68 18.96 -4.20 -26.58
N ALA D 69 18.08 -3.51 -25.85
CA ALA D 69 18.34 -3.14 -24.47
C ALA D 69 17.05 -3.23 -23.68
N VAL D 70 17.09 -3.92 -22.54
CA VAL D 70 15.92 -4.09 -21.69
C VAL D 70 16.29 -3.73 -20.26
N VAL D 71 15.52 -2.84 -19.65
CA VAL D 71 15.64 -2.52 -18.23
C VAL D 71 14.31 -2.87 -17.58
N THR D 72 14.37 -3.55 -16.44
CA THR D 72 13.16 -4.02 -15.78
C THR D 72 13.33 -3.99 -14.27
N GLY D 73 12.31 -3.49 -13.57
CA GLY D 73 12.27 -3.58 -12.13
C GLY D 73 13.23 -2.70 -11.38
N VAL D 74 13.05 -1.40 -11.46
CA VAL D 74 13.88 -0.44 -10.74
C VAL D 74 13.03 0.17 -9.64
N THR D 75 13.42 -0.03 -8.39
CA THR D 75 12.63 0.39 -7.24
C THR D 75 13.50 1.08 -6.21
N ALA D 76 13.01 2.19 -5.67
CA ALA D 76 13.64 2.90 -4.55
C ALA D 76 15.07 3.32 -4.88
N VAL D 77 15.20 4.15 -5.89
CA VAL D 77 16.48 4.63 -6.39
C VAL D 77 16.52 6.14 -6.28
N ALA D 78 17.64 6.68 -5.81
CA ALA D 78 17.80 8.10 -5.64
C ALA D 78 19.22 8.49 -5.99
N GLN D 79 19.38 9.64 -6.67
CA GLN D 79 20.72 10.16 -6.91
C GLN D 79 20.67 11.66 -7.08
N LYS D 80 21.84 12.28 -6.92
CA LYS D 80 22.03 13.69 -7.18
C LYS D 80 23.29 13.88 -7.99
N THR D 81 23.17 14.56 -9.12
CA THR D 81 24.29 14.84 -10.00
C THR D 81 24.52 16.34 -10.06
N VAL D 82 25.79 16.74 -10.00
CA VAL D 82 26.18 18.14 -10.19
C VAL D 82 27.08 18.19 -11.40
N GLU D 83 26.71 19.00 -12.39
CA GLU D 83 27.49 19.21 -13.61
C GLU D 83 27.70 17.91 -14.37
N GLY D 84 26.59 17.30 -14.76
CA GLY D 84 26.62 16.09 -15.54
C GLY D 84 25.21 15.62 -15.79
N ALA D 85 25.09 14.66 -16.70
CA ALA D 85 23.79 14.08 -17.01
C ALA D 85 23.44 13.01 -16.00
N GLY D 86 22.22 13.05 -15.48
CA GLY D 86 21.78 12.05 -14.54
C GLY D 86 20.66 11.18 -15.08
N SER D 87 20.94 9.91 -15.33
CA SER D 87 19.97 8.96 -15.85
C SER D 87 19.77 7.85 -14.84
N ILE D 88 18.52 7.40 -14.69
CA ILE D 88 18.19 6.34 -13.74
C ILE D 88 17.95 5.01 -14.43
N ALA D 89 16.92 4.93 -15.26
CA ALA D 89 16.56 3.68 -15.93
C ALA D 89 16.46 3.96 -17.43
N ALA D 90 17.59 3.93 -18.11
CA ALA D 90 17.68 4.30 -19.51
C ALA D 90 18.12 3.10 -20.33
N ALA D 91 17.43 2.84 -21.43
CA ALA D 91 17.76 1.77 -22.34
C ALA D 91 17.90 2.36 -23.73
N THR D 92 19.06 2.14 -24.36
CA THR D 92 19.31 2.60 -25.71
C THR D 92 19.51 1.39 -26.62
N GLY D 93 18.79 1.36 -27.73
CA GLY D 93 18.81 0.21 -28.62
C GLY D 93 20.20 -0.14 -29.13
N PHE D 94 20.85 0.81 -29.79
CA PHE D 94 22.26 0.72 -30.12
C PHE D 94 22.69 2.06 -30.71
N VAL D 95 23.99 2.27 -30.77
CA VAL D 95 24.58 3.48 -31.32
C VAL D 95 25.51 3.04 -32.44
N LYS D 96 25.03 3.07 -33.68
CA LYS D 96 25.81 2.64 -34.83
C LYS D 96 26.26 3.89 -35.59
N LYS D 97 27.39 4.46 -35.16
CA LYS D 97 27.94 5.62 -35.83
C LYS D 97 28.82 5.21 -37.00
N VAL E 37 -19.34 -38.78 2.61
CA VAL E 37 -18.30 -39.76 2.89
C VAL E 37 -17.13 -39.58 1.94
N LEU E 38 -17.24 -38.59 1.04
CA LEU E 38 -16.19 -38.32 0.07
C LEU E 38 -15.95 -36.81 -0.04
N TYR E 39 -15.77 -36.16 1.11
CA TYR E 39 -15.38 -34.75 1.12
C TYR E 39 -14.05 -34.59 0.40
N VAL E 40 -14.00 -33.67 -0.56
CA VAL E 40 -12.79 -33.41 -1.34
C VAL E 40 -12.59 -31.89 -1.38
N GLY E 41 -11.79 -31.36 -0.46
CA GLY E 41 -11.41 -29.96 -0.50
C GLY E 41 -10.21 -29.75 -1.40
N SER E 42 -10.19 -28.60 -2.08
CA SER E 42 -9.10 -28.33 -3.03
C SER E 42 -8.97 -26.82 -3.20
N LYS E 43 -7.87 -26.26 -2.70
CA LYS E 43 -7.54 -24.85 -2.85
C LYS E 43 -8.62 -23.96 -2.24
N THR E 44 -9.17 -24.38 -1.12
CA THR E 44 -10.20 -23.61 -0.44
C THR E 44 -9.56 -22.71 0.62
N LYS E 45 -10.26 -21.63 0.93
CA LYS E 45 -9.75 -20.64 1.87
C LYS E 45 -10.83 -20.31 2.89
N GLU E 46 -10.45 -20.26 4.15
CA GLU E 46 -11.38 -19.98 5.24
C GLU E 46 -10.65 -19.15 6.28
N GLY E 47 -11.07 -17.89 6.46
CA GLY E 47 -10.38 -17.00 7.36
C GLY E 47 -8.99 -16.67 6.84
N VAL E 48 -8.91 -15.97 5.72
CA VAL E 48 -7.65 -15.71 5.05
C VAL E 48 -7.57 -14.22 4.72
N VAL E 49 -6.40 -13.62 4.96
CA VAL E 49 -6.13 -12.24 4.60
C VAL E 49 -4.83 -12.22 3.81
N HIS E 50 -4.84 -11.62 2.63
CA HIS E 50 -3.60 -11.49 1.90
C HIS E 50 -3.62 -10.26 1.01
N GLY E 51 -2.43 -9.74 0.70
CA GLY E 51 -2.28 -8.56 -0.11
C GLY E 51 -2.76 -7.29 0.56
N VAL E 52 -2.08 -6.86 1.61
CA VAL E 52 -2.49 -5.71 2.39
C VAL E 52 -1.31 -4.76 2.52
N ALA E 53 -1.51 -3.51 2.11
CA ALA E 53 -0.49 -2.48 2.21
C ALA E 53 -1.04 -1.32 3.02
N THR E 54 -0.31 -0.89 4.04
CA THR E 54 -0.78 0.12 4.96
C THR E 54 0.35 1.10 5.26
N VAL E 55 0.03 2.38 5.19
CA VAL E 55 0.93 3.45 5.64
C VAL E 55 0.17 4.30 6.64
N ALA E 56 0.82 4.64 7.74
CA ALA E 56 0.19 5.42 8.80
C ALA E 56 1.20 6.45 9.30
N GLU E 57 0.93 7.72 9.05
CA GLU E 57 1.81 8.80 9.47
C GLU E 57 1.05 9.68 10.46
N LYS E 58 1.43 9.62 11.73
CA LYS E 58 0.77 10.39 12.76
C LYS E 58 1.80 11.20 13.54
N THR E 59 1.38 12.35 14.04
CA THR E 59 2.26 13.15 14.86
C THR E 59 2.12 12.82 16.33
N LYS E 60 0.90 12.55 16.79
CA LYS E 60 0.70 12.22 18.19
C LYS E 60 -0.46 11.25 18.29
N GLU E 61 -0.21 10.07 18.84
CA GLU E 61 -1.23 9.08 19.11
C GLU E 61 -1.22 8.79 20.61
N GLN E 62 -2.34 9.05 21.26
CA GLN E 62 -2.42 8.92 22.71
C GLN E 62 -3.63 8.09 23.08
N VAL E 63 -3.47 7.26 24.09
CA VAL E 63 -4.56 6.49 24.68
C VAL E 63 -4.49 6.66 26.18
N THR E 64 -5.60 7.08 26.79
CA THR E 64 -5.70 7.25 28.23
C THR E 64 -6.88 6.43 28.71
N ASN E 65 -6.61 5.45 29.56
CA ASN E 65 -7.63 4.52 30.02
C ASN E 65 -7.65 4.53 31.54
N VAL E 66 -8.85 4.63 32.11
CA VAL E 66 -9.03 4.60 33.56
C VAL E 66 -10.11 3.56 33.84
N GLY E 67 -9.68 2.33 34.14
CA GLY E 67 -10.61 1.31 34.54
C GLY E 67 -11.50 0.74 33.46
N GLY E 68 -11.16 0.95 32.19
CA GLY E 68 -11.96 0.42 31.11
C GLY E 68 -11.21 -0.55 30.23
N ALA E 69 -11.54 -0.58 28.94
CA ALA E 69 -10.85 -1.43 27.98
C ALA E 69 -10.74 -0.69 26.66
N VAL E 70 -9.53 -0.66 26.10
CA VAL E 70 -9.27 0.02 24.83
C VAL E 70 -8.51 -0.93 23.93
N VAL E 71 -9.02 -1.12 22.70
CA VAL E 71 -8.32 -1.85 21.65
C VAL E 71 -8.11 -0.89 20.50
N THR E 72 -6.91 -0.89 19.94
CA THR E 72 -6.56 0.08 18.90
C THR E 72 -5.59 -0.55 17.91
N GLY E 73 -5.85 -0.35 16.62
CA GLY E 73 -4.90 -0.71 15.59
C GLY E 73 -4.73 -2.19 15.35
N VAL E 74 -5.76 -2.84 14.85
CA VAL E 74 -5.72 -4.26 14.51
C VAL E 74 -5.76 -4.37 12.99
N THR E 75 -4.72 -4.93 12.41
CA THR E 75 -4.57 -4.98 10.96
C THR E 75 -4.12 -6.37 10.53
N ALA E 76 -4.74 -6.87 9.45
CA ALA E 76 -4.34 -8.11 8.79
C ALA E 76 -4.35 -9.29 9.76
N VAL E 77 -5.54 -9.59 10.27
CA VAL E 77 -5.75 -10.64 11.25
C VAL E 77 -6.74 -11.64 10.68
N ALA E 78 -6.45 -12.92 10.85
CA ALA E 78 -7.31 -13.97 10.33
C ALA E 78 -7.34 -15.13 11.32
N GLN E 79 -8.51 -15.73 11.51
CA GLN E 79 -8.59 -16.94 12.32
C GLN E 79 -9.78 -17.78 11.90
N LYS E 80 -9.72 -19.05 12.30
CA LYS E 80 -10.82 -19.97 12.10
C LYS E 80 -11.05 -20.74 13.40
N THR E 81 -12.27 -20.72 13.89
CA THR E 81 -12.64 -21.42 15.11
C THR E 81 -13.67 -22.49 14.78
N VAL E 82 -13.49 -23.67 15.37
CA VAL E 82 -14.46 -24.75 15.27
C VAL E 82 -14.95 -25.04 16.68
N GLU E 83 -16.26 -24.96 16.87
CA GLU E 83 -16.91 -25.26 18.15
C GLU E 83 -16.39 -24.37 19.27
N GLY E 84 -16.57 -23.08 19.07
CA GLY E 84 -16.20 -22.10 20.08
C GLY E 84 -16.48 -20.71 19.55
N ALA E 85 -16.41 -19.75 20.45
CA ALA E 85 -16.62 -18.36 20.09
C ALA E 85 -15.34 -17.76 19.51
N GLY E 86 -15.46 -17.07 18.38
CA GLY E 86 -14.31 -16.43 17.78
C GLY E 86 -14.41 -14.92 17.77
N SER E 87 -13.57 -14.26 18.57
CA SER E 87 -13.55 -12.82 18.67
C SER E 87 -12.20 -12.30 18.20
N ILE E 88 -12.19 -11.18 17.50
CA ILE E 88 -10.96 -10.60 16.97
C ILE E 88 -10.54 -9.37 17.77
N ALA E 89 -11.34 -8.31 17.76
CA ALA E 89 -10.98 -7.07 18.46
C ALA E 89 -12.15 -6.70 19.37
N ALA E 90 -12.17 -7.28 20.55
CA ALA E 90 -13.28 -7.12 21.49
C ALA E 90 -12.78 -6.44 22.75
N ALA E 91 -13.52 -5.43 23.20
CA ALA E 91 -13.21 -4.72 24.43
C ALA E 91 -14.45 -4.74 25.31
N THR E 92 -14.30 -5.24 26.53
CA THR E 92 -15.38 -5.27 27.51
C THR E 92 -15.01 -4.39 28.68
N GLY E 93 -15.93 -3.49 29.06
CA GLY E 93 -15.66 -2.51 30.09
C GLY E 93 -15.27 -3.13 31.42
N PHE E 94 -16.14 -3.98 31.97
CA PHE E 94 -15.79 -4.84 33.09
C PHE E 94 -16.98 -5.78 33.32
N VAL E 95 -16.73 -6.82 34.09
CA VAL E 95 -17.74 -7.82 34.43
C VAL E 95 -17.80 -7.87 35.94
N LYS E 96 -18.76 -7.14 36.52
CA LYS E 96 -18.92 -7.07 37.98
C LYS E 96 -20.12 -7.93 38.37
N LYS E 97 -19.87 -9.22 38.55
CA LYS E 97 -20.93 -10.13 38.98
C LYS E 97 -21.07 -10.14 40.49
N VAL F 37 14.63 41.34 -3.48
CA VAL F 37 15.83 41.11 -2.71
C VAL F 37 15.50 40.43 -1.38
N LEU F 38 14.22 40.18 -1.15
CA LEU F 38 13.75 39.54 0.08
C LEU F 38 12.70 38.48 -0.23
N TYR F 39 13.02 37.59 -1.18
CA TYR F 39 12.17 36.44 -1.44
C TYR F 39 12.05 35.59 -0.18
N VAL F 40 10.82 35.28 0.21
CA VAL F 40 10.55 34.47 1.40
C VAL F 40 9.52 33.41 1.02
N GLY F 41 10.00 32.22 0.66
CA GLY F 41 9.11 31.10 0.41
C GLY F 41 8.79 30.37 1.70
N SER F 42 7.57 29.87 1.81
CA SER F 42 7.14 29.20 3.04
C SER F 42 6.03 28.23 2.71
N LYS F 43 6.31 26.93 2.83
CA LYS F 43 5.34 25.87 2.63
C LYS F 43 4.72 25.91 1.23
N THR F 44 5.54 26.23 0.25
CA THR F 44 5.09 26.29 -1.13
C THR F 44 5.32 24.96 -1.82
N LYS F 45 4.53 24.69 -2.86
CA LYS F 45 4.59 23.43 -3.56
C LYS F 45 4.63 23.69 -5.06
N GLU F 46 5.53 23.00 -5.76
CA GLU F 46 5.69 23.16 -7.20
C GLU F 46 6.00 21.80 -7.79
N GLY F 47 5.09 21.29 -8.61
CA GLY F 47 5.26 19.96 -9.15
C GLY F 47 5.17 18.90 -8.07
N VAL F 48 4.00 18.76 -7.47
CA VAL F 48 3.80 17.88 -6.32
C VAL F 48 2.58 17.02 -6.56
N VAL F 49 2.70 15.73 -6.23
CA VAL F 49 1.60 14.78 -6.30
C VAL F 49 1.52 14.07 -4.97
N HIS F 50 0.35 14.08 -4.34
CA HIS F 50 0.21 13.31 -3.11
C HIS F 50 -1.22 12.84 -2.91
N GLY F 51 -1.37 11.76 -2.17
CA GLY F 51 -2.66 11.17 -1.91
C GLY F 51 -3.29 10.52 -3.12
N VAL F 52 -2.72 9.44 -3.61
CA VAL F 52 -3.16 8.80 -4.83
C VAL F 52 -3.36 7.31 -4.55
N ALA F 53 -4.57 6.81 -4.80
CA ALA F 53 -4.88 5.41 -4.64
C ALA F 53 -5.38 4.85 -5.95
N THR F 54 -4.80 3.74 -6.39
CA THR F 54 -5.10 3.17 -7.70
C THR F 54 -5.22 1.67 -7.58
N VAL F 55 -6.28 1.11 -8.17
CA VAL F 55 -6.45 -0.32 -8.32
C VAL F 55 -6.67 -0.60 -9.80
N ALA F 56 -6.00 -1.62 -10.32
CA ALA F 56 -6.09 -1.98 -11.73
C ALA F 56 -6.16 -3.49 -11.84
N GLU F 57 -7.31 -4.01 -12.27
CA GLU F 57 -7.51 -5.44 -12.43
C GLU F 57 -7.76 -5.73 -13.90
N LYS F 58 -6.80 -6.36 -14.57
CA LYS F 58 -6.91 -6.68 -15.97
C LYS F 58 -6.65 -8.15 -16.19
N THR F 59 -7.30 -8.72 -17.21
CA THR F 59 -7.05 -10.10 -17.55
C THR F 59 -5.94 -10.24 -18.58
N LYS F 60 -5.87 -9.34 -19.54
CA LYS F 60 -4.82 -9.41 -20.55
C LYS F 60 -4.47 -7.99 -20.98
N GLU F 61 -3.21 -7.63 -20.80
CA GLU F 61 -2.69 -6.35 -21.27
C GLU F 61 -1.55 -6.64 -22.22
N GLN F 62 -1.68 -6.20 -23.46
CA GLN F 62 -0.71 -6.50 -24.50
C GLN F 62 -0.30 -5.23 -25.22
N VAL F 63 0.98 -5.13 -25.54
CA VAL F 63 1.52 -4.05 -26.34
C VAL F 63 2.37 -4.66 -27.44
N THR F 64 2.08 -4.30 -28.69
CA THR F 64 2.83 -4.77 -29.84
C THR F 64 3.31 -3.56 -30.61
N ASN F 65 4.63 -3.41 -30.71
CA ASN F 65 5.24 -2.25 -31.32
C ASN F 65 6.17 -2.70 -32.43
N VAL F 66 6.06 -2.07 -33.59
CA VAL F 66 6.92 -2.37 -34.73
C VAL F 66 7.48 -1.04 -35.21
N GLY F 67 8.66 -0.67 -34.73
CA GLY F 67 9.33 0.52 -35.22
C GLY F 67 8.75 1.83 -34.79
N GLY F 68 7.93 1.85 -33.74
CA GLY F 68 7.35 3.09 -33.26
C GLY F 68 7.73 3.42 -31.84
N ALA F 69 6.83 4.06 -31.11
CA ALA F 69 7.06 4.39 -29.70
C ALA F 69 5.76 4.25 -28.95
N VAL F 70 5.78 3.52 -27.83
CA VAL F 70 4.60 3.31 -27.01
C VAL F 70 4.95 3.62 -25.56
N VAL F 71 4.16 4.48 -24.93
CA VAL F 71 4.24 4.75 -23.51
C VAL F 71 2.91 4.36 -22.88
N THR F 72 2.96 3.64 -21.76
CA THR F 72 1.75 3.12 -21.15
C THR F 72 1.88 3.10 -19.64
N GLY F 73 0.85 3.56 -18.94
CA GLY F 73 0.77 3.42 -17.50
C GLY F 73 1.72 4.29 -16.69
N VAL F 74 1.52 5.59 -16.74
CA VAL F 74 2.33 6.54 -15.97
C VAL F 74 1.44 7.09 -14.87
N THR F 75 1.82 6.87 -13.62
CA THR F 75 1.00 7.23 -12.48
C THR F 75 1.85 7.89 -11.41
N ALA F 76 1.32 8.97 -10.83
CA ALA F 76 1.92 9.65 -9.68
C ALA F 76 3.35 10.10 -9.97
N VAL F 77 3.48 10.98 -10.95
CA VAL F 77 4.77 11.48 -11.40
C VAL F 77 4.78 13.00 -11.24
N ALA F 78 5.88 13.52 -10.73
CA ALA F 78 6.02 14.95 -10.51
C ALA F 78 7.44 15.39 -10.82
N GLN F 79 7.59 16.55 -11.45
CA GLN F 79 8.92 17.09 -11.66
C GLN F 79 8.86 18.61 -11.78
N LYS F 80 10.02 19.23 -11.58
CA LYS F 80 10.19 20.66 -11.78
C LYS F 80 11.45 20.90 -12.57
N THR F 81 11.34 21.62 -13.67
CA THR F 81 12.47 21.95 -14.52
C THR F 81 12.68 23.45 -14.52
N VAL F 82 13.94 23.87 -14.42
CA VAL F 82 14.31 25.27 -14.55
C VAL F 82 15.24 25.38 -15.76
N GLU F 83 14.86 26.22 -16.71
CA GLU F 83 15.66 26.49 -17.91
C GLU F 83 15.91 25.22 -18.72
N GLY F 84 14.81 24.61 -19.14
CA GLY F 84 14.88 23.43 -19.97
C GLY F 84 13.48 22.95 -20.26
N ALA F 85 13.39 22.01 -21.19
CA ALA F 85 12.11 21.42 -21.55
C ALA F 85 11.76 20.30 -20.59
N GLY F 86 10.52 20.31 -20.10
CA GLY F 86 10.08 19.27 -19.19
C GLY F 86 8.99 18.41 -19.78
N SER F 87 9.30 17.15 -20.07
CA SER F 87 8.34 16.21 -20.64
C SER F 87 8.14 15.06 -19.67
N ILE F 88 6.91 14.57 -19.57
CA ILE F 88 6.58 13.49 -18.66
C ILE F 88 6.37 12.17 -19.40
N ALA F 89 5.34 12.11 -20.25
CA ALA F 89 5.03 10.88 -20.98
C ALA F 89 4.94 11.21 -22.46
N ALA F 90 6.09 11.22 -23.12
CA ALA F 90 6.20 11.64 -24.51
C ALA F 90 6.67 10.48 -25.35
N ALA F 91 5.99 10.25 -26.47
CA ALA F 91 6.37 9.21 -27.43
C ALA F 91 6.52 9.86 -28.80
N THR F 92 7.69 9.68 -29.41
CA THR F 92 7.96 10.18 -30.74
C THR F 92 8.20 9.01 -31.67
N GLY F 93 7.50 9.00 -32.81
CA GLY F 93 7.55 7.89 -33.74
C GLY F 93 8.95 7.58 -34.23
N PHE F 94 9.59 8.57 -34.85
CA PHE F 94 11.02 8.51 -35.14
C PHE F 94 11.42 9.87 -35.69
N VAL F 95 12.73 10.11 -35.72
CA VAL F 95 13.30 11.34 -36.22
C VAL F 95 14.27 10.96 -37.32
N LYS F 96 13.80 11.02 -38.58
CA LYS F 96 14.62 10.65 -39.74
C LYS F 96 15.06 11.93 -40.43
N LYS F 97 16.16 12.50 -39.97
CA LYS F 97 16.71 13.70 -40.58
C LYS F 97 17.62 13.33 -41.75
N VAL G 37 -15.55 -40.68 4.95
CA VAL G 37 -14.53 -41.67 5.22
C VAL G 37 -13.35 -41.50 4.26
N LEU G 38 -13.46 -40.53 3.36
CA LEU G 38 -12.42 -40.26 2.37
C LEU G 38 -12.17 -38.76 2.26
N TYR G 39 -11.99 -38.09 3.40
CA TYR G 39 -11.58 -36.69 3.38
C TYR G 39 -10.25 -36.55 2.65
N VAL G 40 -10.20 -35.63 1.68
CA VAL G 40 -9.00 -35.38 0.89
C VAL G 40 -8.80 -33.87 0.84
N GLY G 41 -7.98 -33.33 1.74
CA GLY G 41 -7.61 -31.94 1.69
C GLY G 41 -6.40 -31.74 0.77
N SER G 42 -6.39 -30.61 0.08
CA SER G 42 -5.30 -30.35 -0.87
C SER G 42 -5.15 -28.84 -1.06
N LYS G 43 -4.04 -28.30 -0.58
CA LYS G 43 -3.72 -26.88 -0.75
C LYS G 43 -4.78 -25.98 -0.15
N THR G 44 -5.34 -26.39 0.99
CA THR G 44 -6.34 -25.60 1.67
C THR G 44 -5.71 -24.69 2.70
N LYS G 45 -6.39 -23.60 3.03
CA LYS G 45 -5.87 -22.60 3.94
C LYS G 45 -6.94 -22.26 4.96
N GLU G 46 -6.55 -22.20 6.23
CA GLU G 46 -7.47 -21.89 7.31
C GLU G 46 -6.72 -21.05 8.34
N GLY G 47 -7.14 -19.81 8.51
CA GLY G 47 -6.44 -18.90 9.39
C GLY G 47 -5.06 -18.58 8.86
N VAL G 48 -4.98 -17.90 7.73
CA VAL G 48 -3.72 -17.64 7.05
C VAL G 48 -3.63 -16.16 6.71
N VAL G 49 -2.46 -15.57 6.92
CA VAL G 49 -2.19 -14.20 6.55
C VAL G 49 -0.89 -14.19 5.76
N HIS G 50 -0.91 -13.61 4.57
CA HIS G 50 0.33 -13.48 3.82
C HIS G 50 0.31 -12.27 2.91
N GLY G 51 1.51 -11.77 2.61
CA GLY G 51 1.65 -10.59 1.77
C GLY G 51 1.19 -9.31 2.43
N VAL G 52 1.89 -8.87 3.47
CA VAL G 52 1.48 -7.72 4.26
C VAL G 52 2.67 -6.77 4.36
N ALA G 53 2.47 -5.53 3.94
CA ALA G 53 3.50 -4.49 4.03
C ALA G 53 2.95 -3.32 4.82
N THR G 54 3.70 -2.89 5.83
CA THR G 54 3.23 -1.86 6.73
C THR G 54 4.36 -0.88 7.02
N VAL G 55 4.06 0.41 6.94
CA VAL G 55 4.96 1.46 7.36
C VAL G 55 4.21 2.33 8.36
N ALA G 56 4.88 2.67 9.46
CA ALA G 56 4.27 3.48 10.51
C ALA G 56 5.28 4.50 10.99
N GLU G 57 5.02 5.77 10.74
CA GLU G 57 5.90 6.86 11.14
C GLU G 57 5.15 7.75 12.12
N LYS G 58 5.55 7.71 13.39
CA LYS G 58 4.90 8.49 14.42
C LYS G 58 5.94 9.29 15.18
N THR G 59 5.52 10.47 15.66
CA THR G 59 6.42 11.27 16.48
C THR G 59 6.28 10.95 17.95
N LYS G 60 5.07 10.69 18.42
CA LYS G 60 4.86 10.38 19.82
C LYS G 60 3.70 9.42 19.94
N GLU G 61 3.96 8.24 20.50
CA GLU G 61 2.92 7.26 20.80
C GLU G 61 2.94 7.00 22.29
N GLN G 62 1.84 7.26 22.95
CA GLN G 62 1.76 7.15 24.40
C GLN G 62 0.54 6.34 24.79
N VAL G 63 0.71 5.50 25.81
CA VAL G 63 -0.38 4.75 26.41
C VAL G 63 -0.30 4.94 27.91
N THR G 64 -1.40 5.36 28.51
CA THR G 64 -1.49 5.56 29.95
C THR G 64 -2.67 4.74 30.46
N ASN G 65 -2.40 3.77 31.31
CA ASN G 65 -3.42 2.85 31.79
C ASN G 65 -3.44 2.89 33.31
N VAL G 66 -4.62 3.00 33.89
CA VAL G 66 -4.80 2.99 35.34
C VAL G 66 -5.88 1.96 35.64
N GLY G 67 -5.46 0.73 35.94
CA GLY G 67 -6.39 -0.29 36.36
C GLY G 67 -7.29 -0.85 35.30
N GLY G 68 -6.95 -0.66 34.02
CA GLY G 68 -7.77 -1.20 32.95
C GLY G 68 -7.03 -2.19 32.08
N ALA G 69 -7.37 -2.23 30.79
CA ALA G 69 -6.70 -3.10 29.84
C ALA G 69 -6.58 -2.38 28.51
N VAL G 70 -5.38 -2.35 27.94
CA VAL G 70 -5.12 -1.69 26.66
C VAL G 70 -4.38 -2.65 25.76
N VAL G 71 -4.90 -2.86 24.55
CA VAL G 71 -4.21 -3.60 23.50
C VAL G 71 -4.00 -2.66 22.33
N THR G 72 -2.79 -2.66 21.76
CA THR G 72 -2.45 -1.71 20.71
C THR G 72 -1.49 -2.35 19.73
N GLY G 73 -1.76 -2.17 18.44
CA GLY G 73 -0.82 -2.55 17.41
C GLY G 73 -0.66 -4.03 17.18
N VAL G 74 -1.70 -4.69 16.69
CA VAL G 74 -1.67 -6.11 16.36
C VAL G 74 -1.72 -6.24 14.86
N THR G 75 -0.68 -6.81 14.27
CA THR G 75 -0.54 -6.88 12.82
C THR G 75 -0.10 -8.26 12.39
N ALA G 76 -0.73 -8.78 11.33
CA ALA G 76 -0.34 -10.02 10.69
C ALA G 76 -0.36 -11.19 11.67
N VAL G 77 -1.54 -11.48 12.18
CA VAL G 77 -1.75 -12.52 13.17
C VAL G 77 -2.76 -13.52 12.63
N ALA G 78 -2.47 -14.81 12.80
CA ALA G 78 -3.34 -15.86 12.32
C ALA G 78 -3.37 -17.00 13.31
N GLN G 79 -4.54 -17.59 13.51
CA GLN G 79 -4.62 -18.78 14.34
C GLN G 79 -5.81 -19.64 13.94
N LYS G 80 -5.76 -20.90 14.34
CA LYS G 80 -6.87 -21.82 14.18
C LYS G 80 -7.08 -22.57 15.48
N THR G 81 -8.31 -22.54 15.98
CA THR G 81 -8.67 -23.22 17.21
C THR G 81 -9.71 -24.29 16.90
N VAL G 82 -9.54 -25.46 17.49
CA VAL G 82 -10.52 -26.53 17.42
C VAL G 82 -11.00 -26.80 18.83
N GLU G 83 -12.31 -26.72 19.03
CA GLU G 83 -12.95 -27.01 20.32
C GLU G 83 -12.42 -26.10 21.42
N GLY G 84 -12.60 -24.80 21.21
CA GLY G 84 -12.20 -23.82 22.20
C GLY G 84 -12.49 -22.44 21.66
N ALA G 85 -12.40 -21.46 22.55
CA ALA G 85 -12.61 -20.08 22.17
C ALA G 85 -11.33 -19.49 21.59
N GLY G 86 -11.45 -18.82 20.46
CA GLY G 86 -10.31 -18.20 19.84
C GLY G 86 -10.39 -16.69 19.81
N SER G 87 -9.55 -16.02 20.59
CA SER G 87 -9.51 -14.58 20.67
C SER G 87 -8.16 -14.08 20.19
N ILE G 88 -8.16 -12.95 19.48
CA ILE G 88 -6.93 -12.38 18.93
C ILE G 88 -6.49 -11.15 19.72
N ALA G 89 -7.28 -10.09 19.70
CA ALA G 89 -6.92 -8.84 20.39
C ALA G 89 -8.07 -8.45 21.29
N ALA G 90 -8.10 -9.02 22.49
CA ALA G 90 -9.19 -8.85 23.42
C ALA G 90 -8.69 -8.15 24.68
N ALA G 91 -9.41 -7.13 25.12
CA ALA G 91 -9.10 -6.41 26.34
C ALA G 91 -10.33 -6.42 27.23
N THR G 92 -10.18 -6.90 28.46
CA THR G 92 -11.25 -6.91 29.44
C THR G 92 -10.87 -6.02 30.60
N GLY G 93 -11.76 -5.11 30.97
CA GLY G 93 -11.49 -4.14 32.00
C GLY G 93 -11.09 -4.73 33.33
N PHE G 94 -11.97 -5.56 33.89
CA PHE G 94 -11.63 -6.43 35.01
C PHE G 94 -12.81 -7.35 35.27
N VAL G 95 -12.56 -8.39 36.05
CA VAL G 95 -13.58 -9.37 36.40
C VAL G 95 -13.63 -9.40 37.92
N LYS G 96 -14.57 -8.66 38.50
CA LYS G 96 -14.73 -8.58 39.95
C LYS G 96 -15.93 -9.42 40.36
N LYS G 97 -15.70 -10.72 40.55
CA LYS G 97 -16.75 -11.62 40.99
C LYS G 97 -16.88 -11.60 42.51
N VAL H 37 18.69 39.04 -2.20
CA VAL H 37 19.90 38.83 -1.43
C VAL H 37 19.57 38.17 -0.10
N LEU H 38 18.29 37.92 0.14
CA LEU H 38 17.83 37.30 1.38
C LEU H 38 16.77 36.23 1.09
N TYR H 39 17.09 35.34 0.15
CA TYR H 39 16.22 34.19 -0.09
C TYR H 39 16.11 33.36 1.18
N VAL H 40 14.87 33.05 1.58
CA VAL H 40 14.61 32.26 2.78
C VAL H 40 13.57 31.21 2.42
N GLY H 41 14.04 30.01 2.06
CA GLY H 41 13.15 28.88 1.84
C GLY H 41 12.84 28.17 3.14
N SER H 42 11.61 27.68 3.26
CA SER H 42 11.19 27.03 4.50
C SER H 42 10.07 26.05 4.19
N LYS H 43 10.34 24.76 4.32
CA LYS H 43 9.36 23.70 4.14
C LYS H 43 8.74 23.73 2.75
N THR H 44 9.56 24.03 1.75
CA THR H 44 9.09 24.07 0.38
C THR H 44 9.32 22.73 -0.29
N LYS H 45 8.52 22.46 -1.32
CA LYS H 45 8.56 21.18 -2.02
C LYS H 45 8.60 21.43 -3.52
N GLU H 46 9.49 20.73 -4.21
CA GLU H 46 9.65 20.88 -5.65
C GLU H 46 9.94 19.51 -6.24
N GLY H 47 9.03 18.99 -7.04
CA GLY H 47 9.18 17.65 -7.58
C GLY H 47 9.10 16.61 -6.48
N VAL H 48 7.93 16.48 -5.86
CA VAL H 48 7.74 15.62 -4.69
C VAL H 48 6.51 14.75 -4.92
N VAL H 49 6.62 13.47 -4.58
CA VAL H 49 5.51 12.53 -4.64
C VAL H 49 5.44 11.82 -3.29
N HIS H 50 4.28 11.84 -2.65
CA HIS H 50 4.14 11.10 -1.41
C HIS H 50 2.71 10.65 -1.20
N GLY H 51 2.56 9.57 -0.44
CA GLY H 51 1.26 8.99 -0.18
C GLY H 51 0.62 8.33 -1.37
N VAL H 52 1.19 7.24 -1.86
CA VAL H 52 0.74 6.57 -3.07
C VAL H 52 0.53 5.10 -2.76
N ALA H 53 -0.67 4.60 -3.01
CA ALA H 53 -1.00 3.20 -2.82
C ALA H 53 -1.51 2.63 -4.13
N THR H 54 -0.94 1.52 -4.55
CA THR H 54 -1.24 0.93 -5.85
C THR H 54 -1.38 -0.57 -5.72
N VAL H 55 -2.44 -1.12 -6.30
CA VAL H 55 -2.61 -2.56 -6.43
C VAL H 55 -2.85 -2.85 -7.91
N ALA H 56 -2.18 -3.89 -8.41
CA ALA H 56 -2.29 -4.25 -9.82
C ALA H 56 -2.37 -5.77 -9.91
N GLU H 57 -3.52 -6.28 -10.33
CA GLU H 57 -3.74 -7.73 -10.47
C GLU H 57 -4.00 -8.03 -11.94
N LYS H 58 -3.04 -8.67 -12.59
CA LYS H 58 -3.16 -9.00 -14.00
C LYS H 58 -2.91 -10.49 -14.20
N THR H 59 -3.56 -11.05 -15.22
CA THR H 59 -3.32 -12.45 -15.54
C THR H 59 -2.23 -12.60 -16.57
N LYS H 60 -2.15 -11.70 -17.55
CA LYS H 60 -1.11 -11.79 -18.56
C LYS H 60 -0.75 -10.39 -19.01
N GLU H 61 0.51 -10.02 -18.84
CA GLU H 61 1.04 -8.76 -19.32
C GLU H 61 2.17 -9.08 -20.28
N GLN H 62 2.03 -8.64 -21.53
CA GLN H 62 2.99 -8.95 -22.57
C GLN H 62 3.41 -7.69 -23.30
N VAL H 63 4.68 -7.61 -23.63
CA VAL H 63 5.22 -6.53 -24.45
C VAL H 63 6.06 -7.18 -25.55
N THR H 64 5.77 -6.82 -26.79
CA THR H 64 6.50 -7.32 -27.95
C THR H 64 6.99 -6.12 -28.73
N ASN H 65 8.31 -5.97 -28.84
CA ASN H 65 8.93 -4.82 -29.47
C ASN H 65 9.85 -5.29 -30.58
N VAL H 66 9.73 -4.67 -31.75
CA VAL H 66 10.59 -4.99 -32.89
C VAL H 66 11.14 -3.66 -33.39
N GLY H 67 12.33 -3.29 -32.92
CA GLY H 67 13.01 -2.12 -33.43
C GLY H 67 12.43 -0.79 -33.00
N GLY H 68 11.61 -0.76 -31.96
CA GLY H 68 11.05 0.49 -31.50
C GLY H 68 11.44 0.82 -30.08
N ALA H 69 10.55 1.49 -29.34
CA ALA H 69 10.79 1.83 -27.95
C ALA H 69 9.49 1.71 -27.18
N VAL H 70 9.51 0.99 -26.06
CA VAL H 70 8.34 0.79 -25.22
C VAL H 70 8.70 1.12 -23.78
N VAL H 71 7.91 1.99 -23.16
CA VAL H 71 8.01 2.28 -21.74
C VAL H 71 6.67 1.90 -21.10
N THR H 72 6.73 1.20 -19.97
CA THR H 72 5.51 0.69 -19.34
C THR H 72 5.66 0.69 -17.83
N GLY H 73 4.64 1.16 -17.14
CA GLY H 73 4.57 1.04 -15.69
C GLY H 73 5.53 1.91 -14.91
N VAL H 74 5.33 3.21 -14.96
CA VAL H 74 6.14 4.16 -14.20
C VAL H 74 5.27 4.74 -13.11
N THR H 75 5.66 4.52 -11.86
CA THR H 75 4.84 4.90 -10.72
C THR H 75 5.70 5.58 -9.66
N ALA H 76 5.18 6.67 -9.10
CA ALA H 76 5.79 7.35 -7.95
C ALA H 76 7.22 7.79 -8.26
N VAL H 77 7.35 8.67 -9.25
CA VAL H 77 8.63 9.16 -9.71
C VAL H 77 8.65 10.66 -9.57
N ALA H 78 9.76 11.20 -9.07
CA ALA H 78 9.91 12.63 -8.87
C ALA H 78 11.33 13.05 -9.20
N GLN H 79 11.48 14.20 -9.85
CA GLN H 79 12.81 14.74 -10.06
C GLN H 79 12.77 16.25 -10.19
N LYS H 80 13.92 16.87 -10.01
CA LYS H 80 14.10 18.29 -10.23
C LYS H 80 15.37 18.51 -11.03
N THR H 81 15.25 19.23 -12.14
CA THR H 81 16.37 19.54 -13.00
C THR H 81 16.59 21.04 -13.03
N VAL H 82 17.84 21.46 -12.92
CA VAL H 82 18.23 22.85 -13.09
C VAL H 82 19.15 22.94 -14.29
N GLU H 83 18.77 23.78 -15.26
CA GLU H 83 19.57 24.02 -16.47
C GLU H 83 19.80 22.74 -17.26
N GLY H 84 18.70 22.13 -17.66
CA GLY H 84 18.75 20.94 -18.49
C GLY H 84 17.35 20.46 -18.76
N ALA H 85 17.25 19.52 -19.69
CA ALA H 85 15.96 18.93 -20.03
C ALA H 85 15.62 17.84 -19.05
N GLY H 86 14.39 17.85 -18.55
CA GLY H 86 13.94 16.82 -17.63
C GLY H 86 12.84 15.96 -18.20
N SER H 87 13.15 14.70 -18.47
CA SER H 87 12.19 13.75 -19.04
C SER H 87 11.98 12.61 -18.04
N ILE H 88 10.74 12.14 -17.93
CA ILE H 88 10.41 11.07 -17.01
C ILE H 88 10.19 9.75 -17.74
N ALA H 89 9.16 9.67 -18.57
CA ALA H 89 8.84 8.43 -19.28
C ALA H 89 8.75 8.75 -20.76
N ALA H 90 9.89 8.75 -21.43
CA ALA H 90 9.99 9.15 -22.83
C ALA H 90 10.45 7.97 -23.66
N ALA H 91 9.76 7.73 -24.78
CA ALA H 91 10.14 6.68 -25.72
C ALA H 91 10.28 7.31 -27.10
N THR H 92 11.44 7.11 -27.72
CA THR H 92 11.71 7.61 -29.06
C THR H 92 11.94 6.42 -29.98
N GLY H 93 11.23 6.40 -31.10
CA GLY H 93 11.27 5.29 -32.02
C GLY H 93 12.66 4.96 -32.52
N PHE H 94 13.31 5.93 -33.15
CA PHE H 94 14.73 5.88 -33.46
C PHE H 94 15.15 7.22 -34.02
N VAL H 95 16.45 7.44 -34.06
CA VAL H 95 17.03 8.68 -34.57
C VAL H 95 17.98 8.28 -35.69
N LYS H 96 17.51 8.32 -36.93
CA LYS H 96 18.30 7.93 -38.09
C LYS H 96 18.76 9.21 -38.81
N LYS H 97 19.87 9.77 -38.36
CA LYS H 97 20.42 10.96 -38.98
C LYS H 97 21.32 10.58 -40.16
N1 TFX I . -26.08 -28.27 4.99
S1 TFX I . -26.37 -29.37 2.78
C2 TFX I . -29.68 -31.79 6.37
N2 TFX I . -30.61 -32.66 7.06
C3 TFX I . -29.41 -30.52 6.86
C4 TFX I . -28.48 -29.71 6.23
C5 TFX I . -27.84 -30.16 5.08
C6 TFX I . -28.11 -31.43 4.58
C7 TFX I . -29.03 -32.24 5.22
C8 TFX I . -26.80 -29.27 4.39
C9 TFX I . -25.20 -27.65 4.00
C10 TFX I . -25.25 -28.16 2.72
C11 TFX I . -24.44 -27.59 1.72
C12 TFX I . -23.61 -26.52 2.01
C13 TFX I . -23.56 -25.99 3.31
C14 TFX I . -24.35 -26.56 4.31
C15 TFX I . -31.49 -33.54 6.30
C16 TFX I . -30.70 -32.62 8.51
C17 TFX I . -26.19 -27.88 6.39
C18 TFX I . -22.72 -25.91 0.93
N1 TFX J . 22.69 29.81 -7.61
S1 TFX J . 22.06 31.48 -5.87
C2 TFX J . 24.88 34.03 -9.78
N2 TFX J . 25.62 34.98 -10.59
C3 TFX J . 24.35 32.88 -10.35
C4 TFX J . 23.68 31.96 -9.56
C5 TFX J . 23.54 32.18 -8.19
C6 TFX J . 24.07 33.33 -7.63
C7 TFX J . 24.74 34.25 -8.41
C8 TFX J . 22.83 31.14 -7.32
C9 TFX J . 21.95 29.16 -6.54
C10 TFX J . 21.53 29.95 -5.49
C11 TFX J . 20.78 29.40 -4.45
C12 TFX J . 20.45 28.03 -4.47
C13 TFX J . 20.88 27.23 -5.53
C14 TFX J . 21.63 27.78 -6.56
C15 TFX J . 25.50 36.40 -10.33
C16 TFX J . 26.44 34.50 -11.70
C17 TFX J . 23.22 29.16 -8.79
C18 TFX J . 19.66 27.43 -3.31
N1 TFX K . -22.28 -30.62 7.23
S1 TFX K . -22.96 -31.30 4.97
C2 TFX K . -26.40 -33.53 8.82
N2 TFX K . -27.39 -34.32 9.47
C3 TFX K . -25.84 -34.09 7.70
C4 TFX K . -24.86 -33.40 7.01
C5 TFX K . -24.42 -32.15 7.40
C6 TFX K . -24.98 -31.58 8.53
C7 TFX K . -25.98 -32.28 9.23
C8 TFX K . -23.24 -31.39 6.62
C9 TFX K . -21.39 -30.02 6.26
C10 TFX K . -21.63 -30.31 4.93
C11 TFX K . -20.79 -29.76 3.94
C12 TFX K . -19.72 -28.93 4.31
C13 TFX K . -19.48 -28.64 5.66
C14 TFX K . -20.31 -29.19 6.61
C15 TFX K . -27.49 -34.30 10.90
C16 TFX K . -28.32 -35.13 8.70
C17 TFX K . -22.19 -30.45 8.66
C18 TFX K . -18.81 -28.32 3.25
N1 TFX L . 27.01 27.80 -6.11
S1 TFX L . 25.93 29.49 -4.70
C2 TFX L . 28.72 31.93 -8.94
N2 TFX L . 29.34 32.88 -9.77
C3 TFX L . 28.63 32.27 -7.61
C4 TFX L . 28.05 31.40 -6.71
C5 TFX L . 27.52 30.18 -7.10
C6 TFX L . 27.60 29.83 -8.44
C7 TFX L . 28.19 30.71 -9.35
C8 TFX L . 26.88 29.17 -6.03
C9 TFX L . 26.30 27.14 -5.03
C10 TFX L . 25.62 27.95 -4.15
C11 TFX L . 24.91 27.37 -3.08
C12 TFX L . 24.89 25.98 -2.93
C13 TFX L . 25.57 25.16 -3.83
C14 TFX L . 26.27 25.74 -4.87
C15 TFX L . 30.18 32.44 -10.87
C16 TFX L . 29.16 34.32 -9.57
C17 TFX L . 27.78 27.12 -7.12
C18 TFX L . 24.11 25.34 -1.78
N1 TFX M . -18.44 -32.10 9.58
S1 TFX M . -18.77 -33.24 7.40
C2 TFX M . -22.05 -35.54 11.08
N2 TFX M . -22.99 -36.39 11.81
C3 TFX M . -21.76 -34.28 11.55
C4 TFX M . -20.84 -33.48 10.87
C5 TFX M . -20.22 -33.96 9.74
C6 TFX M . -20.51 -35.24 9.27
C7 TFX M . -21.43 -36.03 9.94
C8 TFX M . -19.18 -33.11 9.01
C9 TFX M . -17.56 -31.51 8.58
C10 TFX M . -17.63 -32.05 7.30
C11 TFX M . -16.84 -31.51 6.27
C12 TFX M . -15.98 -30.44 6.54
C13 TFX M . -15.92 -29.89 7.82
C14 TFX M . -16.69 -30.42 8.84
C15 TFX M . -23.89 -37.28 11.08
C16 TFX M . -23.05 -36.31 13.26
C17 TFX M . -18.52 -31.68 10.97
C18 TFX M . -15.11 -29.87 5.43
N1 TFX N . 14.59 34.43 -10.29
S1 TFX N . 13.92 36.04 -8.51
C2 TFX N . 16.76 38.71 -12.32
N2 TFX N . 17.48 39.69 -13.11
C3 TFX N . 16.24 37.58 -12.93
C4 TFX N . 15.58 36.63 -12.17
C5 TFX N . 15.41 36.82 -10.80
C6 TFX N . 15.92 37.96 -10.20
C7 TFX N . 16.59 38.91 -10.95
C8 TFX N . 14.70 35.76 -9.96
C9 TFX N . 13.85 33.74 -9.24
C10 TFX N . 13.40 34.51 -8.18
C11 TFX N . 12.64 33.92 -7.15
C12 TFX N . 12.32 32.55 -7.21
C13 TFX N . 12.78 31.78 -8.27
C14 TFX N . 13.53 32.36 -9.30
C15 TFX N . 17.36 41.11 -12.81
C16 TFX N . 18.32 39.25 -14.21
C17 TFX N . 15.14 33.80 -11.47
C18 TFX N . 11.53 31.91 -6.08
N1 TFX O . -14.64 -34.44 11.82
S1 TFX O . -15.34 -35.16 9.59
C2 TFX O . -18.76 -37.27 13.54
N2 TFX O . -19.74 -38.03 14.21
C3 TFX O . -18.22 -37.86 12.42
C4 TFX O . -17.24 -37.20 11.71
C5 TFX O . -16.78 -35.94 12.07
C6 TFX O . -17.33 -35.35 13.18
C7 TFX O . -18.32 -36.01 13.92
C8 TFX O . -15.61 -35.20 11.24
C9 TFX O . -13.74 -33.87 10.83
C10 TFX O . -14.01 -34.18 9.51
C11 TFX O . -13.18 -33.67 8.50
C12 TFX O . -12.09 -32.84 8.83
C13 TFX O . -11.83 -32.53 10.17
C14 TFX O . -12.65 -33.04 11.16
C15 TFX O . -19.83 -37.98 15.65
C16 TFX O . -20.70 -38.85 13.47
C17 TFX O . -14.52 -34.23 13.24
C18 TFX O . -11.18 -32.27 7.75
N1 TFX P . 18.92 32.42 -8.77
S1 TFX P . 17.78 34.08 -7.34
C2 TFX P . 20.61 36.64 -11.48
N2 TFX P . 21.23 37.61 -12.30
C3 TFX P . 20.50 36.95 -10.16
C4 TFX P . 19.92 36.05 -9.28
C5 TFX P . 19.40 34.83 -9.71
C6 TFX P . 19.50 34.52 -11.06
C7 TFX P . 20.09 35.42 -11.93
C8 TFX P . 18.77 33.79 -8.67
C9 TFX P . 18.20 31.73 -7.73
C10 TFX P . 17.49 32.52 -6.83
C11 TFX P . 16.77 31.91 -5.79
C12 TFX P . 16.76 30.51 -5.66
C13 TFX P . 17.47 29.72 -6.57
C14 TFX P . 18.17 30.33 -7.60
C15 TFX P . 22.07 37.21 -13.39
C16 TFX P . 21.03 39.04 -12.06
C17 TFX P . 19.70 31.78 -9.79
C18 TFX P . 15.99 29.83 -4.54
#